data_4HWG
#
_entry.id   4HWG
#
_cell.length_a   146.710
_cell.length_b   146.710
_cell.length_c   106.250
_cell.angle_alpha   90.000
_cell.angle_beta   90.000
_cell.angle_gamma   120.000
#
_symmetry.space_group_name_H-M   'H 3 2'
#
loop_
_entity.id
_entity.type
_entity.pdbx_description
1 polymer 'UDP-N-acetylglucosamine 2-epimerase'
2 non-polymer 'PHOSPHATE ION'
3 water water
#
_entity_poly.entity_id   1
_entity_poly.type   'polypeptide(L)'
_entity_poly.pdbx_seq_one_letter_code
;MAHHHHHHMLKVMTIVGTRPELIKLCCVISEFDKHTKHILVHTGQNYAYELNQVFFDDMGIRKPDYFLEVAADNTAKSIG
LVIEKVDEVLEKEKPDAVLFYGDTNSCLSAIAAKRRKIPIFHMEAGNRCFDQRVPEEINRKIIDHISDVNITLTEHARRY
LIAEGLPAELTFKSGSHMPEVLDRFMPKILKSDILDKLSLTPKQYFLISSHREENVDVKNNLKELLNSLQMLIKEYNFLI
IFSTHPRTKKRLEDLEGFKELGDKIRFLPAFSFTDYVKLQMNAFCILSDSGTITEEASILNLPALNIREAHERPEGMDAG
TLIMSGFKAERVLQAVKTITEEHDNNKRTQGLVPDYNEAGLVSKKILRIVLSYVDYINRTVWFKW
;
_entity_poly.pdbx_strand_id   A
#
# COMPACT_ATOMS: atom_id res chain seq x y z
N HIS A 8 0.54 11.43 -32.89
CA HIS A 8 0.28 10.01 -32.49
C HIS A 8 0.85 9.67 -31.09
N MET A 9 -0.02 9.26 -30.19
CA MET A 9 0.39 8.94 -28.83
C MET A 9 0.63 7.45 -28.54
N LEU A 10 1.48 7.25 -27.57
CA LEU A 10 1.70 5.97 -27.02
C LEU A 10 0.42 5.60 -26.28
N LYS A 11 -0.06 4.37 -26.42
CA LYS A 11 -1.19 3.92 -25.63
C LYS A 11 -0.68 3.12 -24.41
N VAL A 12 -1.00 3.60 -23.21
CA VAL A 12 -0.54 2.95 -21.99
C VAL A 12 -1.75 2.49 -21.21
N MET A 13 -1.73 1.25 -20.76
CA MET A 13 -2.82 0.69 -19.94
C MET A 13 -2.33 0.36 -18.52
N THR A 14 -2.96 0.97 -17.53
CA THR A 14 -2.63 0.75 -16.12
C THR A 14 -3.74 -0.13 -15.55
N ILE A 15 -3.33 -1.19 -14.86
CA ILE A 15 -4.28 -2.19 -14.37
C ILE A 15 -4.22 -2.24 -12.86
N VAL A 16 -5.37 -2.02 -12.22
CA VAL A 16 -5.54 -2.03 -10.76
C VAL A 16 -6.75 -2.86 -10.35
N GLY A 17 -6.81 -3.15 -9.07
CA GLY A 17 -7.99 -3.81 -8.51
C GLY A 17 -8.37 -3.34 -7.13
N THR A 18 -7.64 -2.38 -6.55
CA THR A 18 -7.85 -1.96 -5.15
C THR A 18 -7.60 -0.47 -4.95
N ARG A 19 -8.09 0.05 -3.82
CA ARG A 19 -8.00 1.48 -3.54
C ARG A 19 -6.55 1.90 -3.21
N PRO A 20 -5.80 1.10 -2.46
CA PRO A 20 -4.39 1.45 -2.24
C PRO A 20 -3.54 1.58 -3.53
N GLU A 21 -3.80 0.76 -4.55
CA GLU A 21 -3.16 0.96 -5.87
C GLU A 21 -3.50 2.31 -6.45
N LEU A 22 -4.78 2.66 -6.47
CA LEU A 22 -5.21 3.93 -7.02
C LEU A 22 -4.62 5.10 -6.28
N ILE A 23 -4.53 5.00 -4.96
CA ILE A 23 -3.91 6.08 -4.17
C ILE A 23 -2.41 6.24 -4.50
N LYS A 24 -1.70 5.13 -4.54
CA LYS A 24 -0.26 5.18 -4.79
C LYS A 24 0.04 5.56 -6.22
N LEU A 25 -0.94 5.38 -7.11
CA LEU A 25 -0.78 5.76 -8.51
C LEU A 25 -1.35 7.09 -8.91
N CYS A 26 -1.95 7.86 -8.00
CA CYS A 26 -2.84 8.93 -8.46
C CYS A 26 -2.07 9.99 -9.22
N CYS A 27 -0.83 10.25 -8.80
CA CYS A 27 0.01 11.21 -9.55
C CYS A 27 0.53 10.61 -10.85
N VAL A 28 0.94 9.35 -10.81
CA VAL A 28 1.30 8.63 -12.02
C VAL A 28 0.15 8.71 -13.05
N ILE A 29 -1.07 8.46 -12.61
CA ILE A 29 -2.24 8.50 -13.50
C ILE A 29 -2.38 9.88 -14.16
N SER A 30 -2.25 10.95 -13.38
CA SER A 30 -2.35 12.34 -13.90
C SER A 30 -1.31 12.64 -14.97
N GLU A 31 -0.09 12.22 -14.71
CA GLU A 31 1.03 12.47 -15.61
C GLU A 31 0.82 11.70 -16.91
N PHE A 32 0.43 10.44 -16.82
CA PHE A 32 0.16 9.66 -18.01
C PHE A 32 -1.05 10.18 -18.80
N ASP A 33 -2.03 10.74 -18.09
CA ASP A 33 -3.21 11.32 -18.76
C ASP A 33 -2.81 12.52 -19.59
N LYS A 34 -1.81 13.30 -19.14
CA LYS A 34 -1.36 14.46 -19.89
C LYS A 34 -0.65 14.10 -21.17
N HIS A 35 0.08 12.98 -21.19
CA HIS A 35 1.10 12.78 -22.24
C HIS A 35 1.00 11.50 -23.07
N THR A 36 0.03 10.64 -22.75
CA THR A 36 -0.17 9.40 -23.46
C THR A 36 -1.66 9.21 -23.67
N LYS A 37 -2.03 8.25 -24.51
CA LYS A 37 -3.41 7.76 -24.52
C LYS A 37 -3.52 6.71 -23.39
N HIS A 38 -4.01 7.15 -22.24
CA HIS A 38 -3.92 6.40 -21.03
C HIS A 38 -5.21 5.71 -20.69
N ILE A 39 -5.21 4.38 -20.72
CA ILE A 39 -6.38 3.54 -20.38
C ILE A 39 -6.24 2.95 -18.94
N LEU A 40 -7.17 3.32 -18.06
CA LEU A 40 -7.12 2.88 -16.68
C LEU A 40 -8.17 1.80 -16.53
N VAL A 41 -7.70 0.61 -16.17
CA VAL A 41 -8.48 -0.61 -16.02
C VAL A 41 -8.55 -1.08 -14.55
N HIS A 42 -9.77 -1.21 -14.04
CA HIS A 42 -10.02 -1.72 -12.69
C HIS A 42 -10.60 -3.12 -12.88
N THR A 43 -10.00 -4.15 -12.30
CA THR A 43 -10.47 -5.53 -12.56
C THR A 43 -11.82 -5.87 -11.84
N GLY A 44 -12.20 -5.04 -10.87
CA GLY A 44 -13.30 -5.31 -9.97
C GLY A 44 -14.64 -4.70 -10.41
N GLN A 45 -15.53 -4.52 -9.44
CA GLN A 45 -16.94 -4.29 -9.72
C GLN A 45 -17.26 -2.82 -9.65
N ASN A 46 -17.95 -2.31 -10.69
CA ASN A 46 -18.31 -0.92 -10.75
C ASN A 46 -19.18 -0.51 -9.54
N TYR A 47 -20.18 -1.34 -9.21
CA TYR A 47 -21.03 -1.12 -8.04
C TYR A 47 -20.25 -0.87 -6.75
N ALA A 48 -19.28 -1.74 -6.45
CA ALA A 48 -18.45 -1.59 -5.25
C ALA A 48 -17.67 -0.27 -5.26
N TYR A 49 -17.16 0.10 -6.43
CA TYR A 49 -16.36 1.31 -6.60
C TYR A 49 -17.20 2.58 -6.37
N GLU A 50 -18.42 2.61 -6.91
CA GLU A 50 -19.31 3.73 -6.64
C GLU A 50 -19.80 3.81 -5.18
N LEU A 51 -19.95 2.67 -4.51
CA LEU A 51 -20.27 2.69 -3.07
C LEU A 51 -19.09 3.21 -2.21
N ASN A 52 -17.87 3.13 -2.71
CA ASN A 52 -16.70 3.61 -1.97
C ASN A 52 -16.22 4.98 -2.45
N GLN A 53 -16.90 5.57 -3.40
CA GLN A 53 -16.41 6.78 -4.08
C GLN A 53 -16.60 8.06 -3.28
N VAL A 54 -17.64 8.10 -2.45
CA VAL A 54 -17.78 9.14 -1.45
C VAL A 54 -16.48 9.26 -0.65
N PHE A 55 -16.04 8.13 -0.09
CA PHE A 55 -14.87 8.10 0.75
C PHE A 55 -13.58 8.48 0.00
N PHE A 56 -13.52 8.20 -1.31
CA PHE A 56 -12.32 8.53 -2.11
C PHE A 56 -12.44 9.88 -2.81
N ASP A 57 -13.60 10.53 -2.70
CA ASP A 57 -13.82 11.81 -3.38
C ASP A 57 -12.97 12.92 -2.78
N MET A 59 -10.10 13.49 -3.80
CA MET A 59 -8.77 13.17 -4.30
C MET A 59 -8.57 13.44 -5.81
N GLY A 60 -9.66 13.72 -6.52
CA GLY A 60 -9.59 14.04 -7.94
C GLY A 60 -8.97 12.97 -8.80
N ILE A 61 -9.19 11.70 -8.43
CA ILE A 61 -8.76 10.58 -9.24
C ILE A 61 -9.89 10.28 -10.23
N ARG A 62 -9.65 10.51 -11.50
CA ARG A 62 -10.69 10.26 -12.51
C ARG A 62 -11.10 8.79 -12.52
N LYS A 63 -12.28 8.52 -13.05
CA LYS A 63 -12.84 7.18 -13.09
C LYS A 63 -12.11 6.27 -14.09
N PRO A 64 -11.90 4.99 -13.71
CA PRO A 64 -11.34 4.01 -14.65
C PRO A 64 -12.18 3.85 -15.94
N ASP A 65 -11.50 3.63 -17.05
CA ASP A 65 -12.10 3.39 -18.35
C ASP A 65 -12.83 2.06 -18.45
N TYR A 66 -12.41 1.09 -17.65
CA TYR A 66 -13.04 -0.22 -17.62
C TYR A 66 -13.20 -0.66 -16.17
N PHE A 67 -14.32 -1.33 -15.88
CA PHE A 67 -14.48 -2.18 -14.71
C PHE A 67 -14.72 -3.58 -15.23
N LEU A 68 -13.85 -4.50 -14.90
CA LEU A 68 -13.98 -5.85 -15.44
C LEU A 68 -14.91 -6.78 -14.66
N GLU A 69 -15.42 -6.32 -13.51
CA GLU A 69 -16.45 -7.04 -12.75
C GLU A 69 -16.02 -8.37 -12.16
N VAL A 70 -14.72 -8.58 -11.96
CA VAL A 70 -14.26 -9.72 -11.20
C VAL A 70 -14.34 -9.40 -9.70
N ALA A 71 -15.20 -10.13 -8.99
CA ALA A 71 -15.31 -10.00 -7.54
C ALA A 71 -13.98 -10.37 -6.90
N ALA A 72 -13.47 -9.48 -6.05
CA ALA A 72 -12.24 -9.71 -5.37
C ALA A 72 -12.45 -10.65 -4.19
N ASP A 73 -12.75 -11.89 -4.51
CA ASP A 73 -13.00 -12.97 -3.58
C ASP A 73 -11.73 -13.54 -3.00
N ASN A 74 -10.59 -13.20 -3.60
CA ASN A 74 -9.33 -13.87 -3.29
C ASN A 74 -9.44 -15.39 -3.37
N THR A 75 -9.90 -15.89 -4.51
CA THR A 75 -10.07 -17.32 -4.74
C THR A 75 -9.28 -17.69 -5.97
N ALA A 76 -9.08 -18.97 -6.16
CA ALA A 76 -8.43 -19.42 -7.38
C ALA A 76 -9.30 -19.04 -8.59
N LYS A 77 -10.61 -19.10 -8.44
CA LYS A 77 -11.51 -18.71 -9.54
C LYS A 77 -11.37 -17.21 -9.89
N SER A 78 -11.28 -16.35 -8.88
CA SER A 78 -11.19 -14.92 -9.16
C SER A 78 -9.82 -14.58 -9.84
N ILE A 79 -8.75 -15.25 -9.43
CA ILE A 79 -7.48 -15.15 -10.13
C ILE A 79 -7.60 -15.54 -11.62
N GLY A 80 -8.18 -16.70 -11.89
CA GLY A 80 -8.46 -17.09 -13.28
C GLY A 80 -9.29 -16.07 -14.04
N LEU A 81 -10.31 -15.51 -13.38
CA LEU A 81 -11.15 -14.50 -14.02
C LEU A 81 -10.42 -13.19 -14.35
N VAL A 82 -9.51 -12.72 -13.47
CA VAL A 82 -8.70 -11.53 -13.75
CA VAL A 82 -8.73 -11.52 -13.77
C VAL A 82 -7.84 -11.77 -14.99
N ILE A 83 -7.20 -12.93 -15.05
CA ILE A 83 -6.41 -13.27 -16.24
C ILE A 83 -7.26 -13.28 -17.54
N GLU A 84 -8.40 -13.97 -17.51
CA GLU A 84 -9.30 -14.02 -18.67
C GLU A 84 -9.87 -12.62 -19.05
N LYS A 85 -10.34 -11.89 -18.06
CA LYS A 85 -10.95 -10.60 -18.32
C LYS A 85 -9.98 -9.51 -18.75
N VAL A 86 -8.82 -9.43 -18.10
CA VAL A 86 -7.77 -8.52 -18.58
C VAL A 86 -7.39 -8.89 -20.04
N ASP A 87 -7.30 -10.18 -20.37
CA ASP A 87 -6.95 -10.57 -21.74
C ASP A 87 -7.89 -9.95 -22.76
N GLU A 88 -9.19 -9.92 -22.45
CA GLU A 88 -10.18 -9.39 -23.42
C GLU A 88 -9.92 -7.93 -23.73
N VAL A 89 -9.58 -7.19 -22.68
CA VAL A 89 -9.36 -5.75 -22.83
C VAL A 89 -7.99 -5.46 -23.51
N LEU A 90 -6.99 -6.30 -23.27
CA LEU A 90 -5.74 -6.23 -24.03
C LEU A 90 -6.00 -6.45 -25.53
N GLU A 91 -6.80 -7.44 -25.88
CA GLU A 91 -7.17 -7.71 -27.28
C GLU A 91 -7.89 -6.52 -27.90
N LYS A 92 -8.78 -5.90 -27.14
CA LYS A 92 -9.57 -4.82 -27.67
C LYS A 92 -8.73 -3.57 -27.85
N GLU A 93 -7.99 -3.18 -26.83
CA GLU A 93 -7.31 -1.89 -26.82
C GLU A 93 -5.91 -1.89 -27.43
N LYS A 94 -5.22 -3.03 -27.37
CA LYS A 94 -3.87 -3.20 -27.96
C LYS A 94 -2.90 -2.12 -27.50
N PRO A 95 -2.67 -2.08 -26.17
CA PRO A 95 -1.82 -1.01 -25.66
C PRO A 95 -0.40 -1.28 -26.05
N ASP A 96 0.39 -0.22 -26.10
CA ASP A 96 1.83 -0.30 -26.35
C ASP A 96 2.61 -0.65 -25.10
N ALA A 97 2.01 -0.46 -23.93
CA ALA A 97 2.66 -0.80 -22.68
C ALA A 97 1.62 -0.99 -21.60
N VAL A 98 1.95 -1.81 -20.59
CA VAL A 98 1.07 -2.00 -19.43
C VAL A 98 1.83 -1.69 -18.11
N LEU A 99 1.12 -1.07 -17.17
CA LEU A 99 1.65 -0.71 -15.86
C LEU A 99 0.90 -1.47 -14.77
N PHE A 100 1.65 -1.98 -13.80
CA PHE A 100 1.13 -2.58 -12.57
C PHE A 100 1.86 -1.96 -11.38
N TYR A 101 1.12 -1.68 -10.29
CA TYR A 101 1.70 -1.26 -9.02
C TYR A 101 1.54 -2.38 -7.98
N GLY A 102 2.67 -2.78 -7.38
CA GLY A 102 2.65 -3.68 -6.21
C GLY A 102 2.41 -5.12 -6.59
N ASP A 103 1.57 -5.81 -5.83
CA ASP A 103 1.44 -7.25 -5.92
C ASP A 103 0.12 -7.80 -5.38
N THR A 104 -0.97 -7.09 -5.71
CA THR A 104 -2.29 -7.62 -5.47
C THR A 104 -2.56 -8.68 -6.55
N ASN A 105 -3.63 -9.45 -6.38
CA ASN A 105 -3.99 -10.49 -7.35
C ASN A 105 -4.12 -9.99 -8.76
N SER A 106 -4.52 -8.75 -8.90
CA SER A 106 -4.65 -8.21 -10.24
C SER A 106 -3.34 -8.17 -11.05
N CYS A 107 -2.19 -8.15 -10.38
CA CYS A 107 -0.88 -8.18 -11.07
C CYS A 107 -0.65 -9.50 -11.80
N LEU A 108 -1.40 -10.54 -11.41
CA LEU A 108 -1.27 -11.82 -12.07
C LEU A 108 -1.72 -11.77 -13.51
N SER A 109 -2.51 -10.77 -13.87
CA SER A 109 -2.89 -10.56 -15.27
C SER A 109 -1.72 -10.18 -16.16
N ALA A 110 -0.55 -9.88 -15.57
CA ALA A 110 0.66 -9.67 -16.37
C ALA A 110 0.96 -10.86 -17.27
N ILE A 111 0.52 -12.05 -16.84
CA ILE A 111 0.64 -13.25 -17.66
C ILE A 111 0.04 -13.05 -19.05
N ALA A 112 -1.15 -12.43 -19.12
CA ALA A 112 -1.84 -12.18 -20.39
C ALA A 112 -1.09 -11.12 -21.22
N ALA A 113 -0.62 -10.07 -20.56
CA ALA A 113 0.16 -9.06 -21.24
C ALA A 113 1.48 -9.60 -21.85
N LYS A 114 2.18 -10.44 -21.09
CA LYS A 114 3.40 -11.07 -21.57
C LYS A 114 3.20 -11.97 -22.81
N ARG A 115 2.15 -12.81 -22.77
CA ARG A 115 1.81 -13.70 -23.86
C ARG A 115 1.52 -12.89 -25.15
N ARG A 116 1.12 -11.64 -25.00
CA ARG A 116 0.84 -10.77 -26.14
C ARG A 116 2.02 -9.89 -26.51
N LYS A 117 3.13 -10.07 -25.81
CA LYS A 117 4.35 -9.31 -26.03
C LYS A 117 4.18 -7.83 -25.85
N ILE A 118 3.37 -7.45 -24.86
CA ILE A 118 3.18 -6.04 -24.49
C ILE A 118 4.20 -5.72 -23.41
N PRO A 119 5.06 -4.71 -23.66
CA PRO A 119 5.97 -4.29 -22.57
C PRO A 119 5.30 -4.00 -21.22
N ILE A 120 5.82 -4.63 -20.17
CA ILE A 120 5.30 -4.53 -18.82
C ILE A 120 6.25 -3.77 -17.89
N PHE A 121 5.71 -2.79 -17.20
CA PHE A 121 6.46 -1.97 -16.28
C PHE A 121 5.81 -2.13 -14.93
N HIS A 122 6.62 -2.45 -13.92
CA HIS A 122 6.09 -2.79 -12.60
C HIS A 122 6.68 -1.87 -11.51
N MET A 123 5.82 -1.16 -10.81
CA MET A 123 6.17 -0.28 -9.72
C MET A 123 6.08 -0.98 -8.37
N GLU A 124 6.79 -0.43 -7.40
CA GLU A 124 6.95 -1.04 -6.08
C GLU A 124 7.45 -2.48 -6.20
N ALA A 125 8.40 -2.67 -7.10
CA ALA A 125 9.00 -3.98 -7.34
C ALA A 125 10.00 -4.37 -6.27
N GLY A 126 10.22 -5.68 -6.17
CA GLY A 126 11.25 -6.25 -5.29
C GLY A 126 10.98 -6.12 -3.81
N ASN A 127 9.72 -6.09 -3.45
CA ASN A 127 9.29 -6.32 -2.06
C ASN A 127 9.61 -7.71 -1.64
N ARG A 128 10.36 -7.88 -0.55
CA ARG A 128 10.60 -9.23 0.00
C ARG A 128 10.59 -9.17 1.54
N CYS A 129 9.75 -10.00 2.14
CA CYS A 129 9.70 -10.18 3.61
C CYS A 129 10.28 -11.54 4.02
N PHE A 130 10.53 -12.42 3.05
CA PHE A 130 11.14 -13.74 3.29
C PHE A 130 10.31 -14.64 4.21
N ASP A 131 9.01 -14.43 4.25
CA ASP A 131 8.11 -15.29 5.02
C ASP A 131 7.03 -15.63 4.02
N GLN A 132 7.05 -16.86 3.52
CA GLN A 132 6.09 -17.19 2.44
CA GLN A 132 6.12 -17.29 2.48
C GLN A 132 4.64 -17.35 2.97
N ARG A 133 4.43 -17.31 4.27
CA ARG A 133 3.04 -17.26 4.82
C ARG A 133 2.32 -15.97 4.41
N VAL A 134 3.06 -14.90 4.12
CA VAL A 134 2.47 -13.68 3.61
C VAL A 134 1.99 -13.94 2.18
N PRO A 135 0.64 -13.91 1.94
CA PRO A 135 0.14 -14.28 0.62
C PRO A 135 0.68 -13.53 -0.54
N GLU A 136 0.93 -12.24 -0.38
CA GLU A 136 1.53 -11.44 -1.41
C GLU A 136 2.89 -11.98 -1.94
N GLU A 137 3.55 -12.88 -1.19
CA GLU A 137 4.85 -13.38 -1.65
C GLU A 137 4.75 -14.19 -2.90
N ILE A 138 3.67 -14.95 -3.05
CA ILE A 138 3.43 -15.66 -4.31
C ILE A 138 3.39 -14.63 -5.46
N ASN A 139 2.58 -13.59 -5.33
CA ASN A 139 2.37 -12.62 -6.40
C ASN A 139 3.66 -11.84 -6.72
N ARG A 140 4.33 -11.40 -5.68
CA ARG A 140 5.64 -10.69 -5.79
C ARG A 140 6.62 -11.33 -6.73
N LYS A 141 6.87 -12.62 -6.51
CA LYS A 141 7.84 -13.35 -7.33
CA LYS A 141 7.82 -13.37 -7.33
C LYS A 141 7.37 -13.40 -8.75
N ILE A 142 6.06 -13.67 -8.92
CA ILE A 142 5.52 -13.83 -10.25
C ILE A 142 5.66 -12.53 -11.02
N ILE A 143 5.18 -11.44 -10.41
CA ILE A 143 5.16 -10.15 -11.13
C ILE A 143 6.60 -9.63 -11.39
N ASP A 144 7.50 -9.76 -10.41
CA ASP A 144 8.85 -9.31 -10.61
C ASP A 144 9.55 -10.10 -11.75
N HIS A 145 9.29 -11.40 -11.84
CA HIS A 145 10.05 -12.24 -12.78
C HIS A 145 9.46 -12.21 -14.19
N ILE A 146 8.25 -11.70 -14.36
CA ILE A 146 7.65 -11.58 -15.72
C ILE A 146 7.69 -10.18 -16.30
N SER A 147 7.87 -9.17 -15.45
CA SER A 147 7.89 -7.77 -15.91
C SER A 147 9.16 -7.51 -16.74
N ASP A 148 9.06 -6.68 -17.74
CA ASP A 148 10.24 -6.33 -18.54
C ASP A 148 11.07 -5.28 -17.82
N VAL A 149 10.39 -4.32 -17.20
CA VAL A 149 11.03 -3.30 -16.37
C VAL A 149 10.44 -3.32 -14.96
N ASN A 150 11.33 -3.32 -13.97
CA ASN A 150 10.96 -3.19 -12.55
C ASN A 150 11.46 -1.90 -11.99
N ILE A 151 10.59 -1.29 -11.21
CA ILE A 151 10.83 -0.01 -10.61
C ILE A 151 10.59 -0.13 -9.11
N THR A 152 11.62 0.19 -8.33
CA THR A 152 11.63 -0.08 -6.91
C THR A 152 11.57 1.21 -6.09
N LEU A 153 11.12 1.08 -4.84
CA LEU A 153 11.13 2.22 -3.92
C LEU A 153 12.51 2.45 -3.29
N THR A 154 13.35 1.42 -3.29
CA THR A 154 14.58 1.44 -2.53
C THR A 154 15.73 0.72 -3.23
N GLU A 155 16.94 1.01 -2.77
CA GLU A 155 18.09 0.22 -3.14
C GLU A 155 17.99 -1.20 -2.64
N HIS A 156 17.40 -1.38 -1.48
CA HIS A 156 17.26 -2.76 -0.91
C HIS A 156 16.49 -3.65 -1.90
N ALA A 157 15.37 -3.15 -2.41
CA ALA A 157 14.54 -3.88 -3.33
C ALA A 157 15.23 -4.06 -4.68
N ARG A 158 15.94 -3.05 -5.17
CA ARG A 158 16.72 -3.21 -6.39
C ARG A 158 17.74 -4.37 -6.21
N ARG A 159 18.45 -4.36 -5.09
CA ARG A 159 19.42 -5.45 -4.85
C ARG A 159 18.71 -6.84 -4.77
N TYR A 160 17.56 -6.90 -4.11
CA TYR A 160 16.84 -8.18 -4.06
C TYR A 160 16.53 -8.71 -5.46
N LEU A 161 16.13 -7.82 -6.36
CA LEU A 161 15.81 -8.21 -7.75
C LEU A 161 17.05 -8.68 -8.49
N ILE A 162 18.12 -7.91 -8.38
CA ILE A 162 19.39 -8.31 -9.05
C ILE A 162 19.86 -9.67 -8.51
N ALA A 163 19.69 -9.88 -7.23
CA ALA A 163 20.05 -11.15 -6.56
C ALA A 163 19.24 -12.36 -7.05
N GLU A 164 18.09 -12.11 -7.64
CA GLU A 164 17.29 -13.19 -8.23
C GLU A 164 17.51 -13.30 -9.77
N GLY A 165 18.60 -12.69 -10.26
CA GLY A 165 19.07 -12.83 -11.62
C GLY A 165 18.41 -11.89 -12.60
N LEU A 166 17.69 -10.88 -12.11
CA LEU A 166 16.98 -10.00 -12.99
C LEU A 166 17.97 -8.93 -13.52
N PRO A 167 17.70 -8.38 -14.69
CA PRO A 167 18.66 -7.47 -15.34
C PRO A 167 18.74 -6.12 -14.64
N ALA A 168 19.92 -5.80 -14.14
CA ALA A 168 20.14 -4.50 -13.49
C ALA A 168 19.79 -3.31 -14.39
N GLU A 169 20.09 -3.41 -15.67
CA GLU A 169 19.86 -2.28 -16.61
C GLU A 169 18.38 -2.00 -16.86
N LEU A 170 17.51 -2.95 -16.56
CA LEU A 170 16.06 -2.72 -16.62
C LEU A 170 15.38 -2.72 -15.22
N THR A 171 16.19 -2.43 -14.19
CA THR A 171 15.68 -2.21 -12.85
C THR A 171 16.04 -0.78 -12.43
N PHE A 172 15.04 0.01 -12.04
CA PHE A 172 15.21 1.39 -11.64
C PHE A 172 14.68 1.59 -10.25
N LYS A 173 15.17 2.64 -9.61
CA LYS A 173 14.66 3.06 -8.33
C LYS A 173 13.98 4.42 -8.46
N SER A 174 12.64 4.42 -8.33
CA SER A 174 11.88 5.67 -8.29
C SER A 174 11.90 6.37 -6.92
N GLY A 175 12.11 5.61 -5.87
CA GLY A 175 11.73 6.03 -4.53
C GLY A 175 10.23 5.81 -4.22
N SER A 176 9.84 6.04 -2.98
CA SER A 176 8.41 5.98 -2.58
C SER A 176 7.53 6.93 -3.38
N HIS A 177 6.33 6.47 -3.71
CA HIS A 177 5.34 7.30 -4.36
C HIS A 177 4.71 8.28 -3.37
N MET A 178 4.88 8.03 -2.07
CA MET A 178 4.08 8.71 -1.05
C MET A 178 4.43 10.18 -0.79
N PRO A 179 5.72 10.57 -0.91
CA PRO A 179 6.00 12.02 -0.75
C PRO A 179 5.24 12.89 -1.75
N GLU A 180 5.17 12.48 -3.01
CA GLU A 180 4.45 13.25 -3.99
C GLU A 180 2.94 13.23 -3.71
N VAL A 181 2.41 12.08 -3.30
CA VAL A 181 0.98 11.94 -3.05
C VAL A 181 0.55 12.79 -1.85
N LEU A 182 1.34 12.69 -0.81
CA LEU A 182 1.07 13.45 0.42
C LEU A 182 1.15 14.95 0.20
N ASP A 183 2.18 15.38 -0.53
CA ASP A 183 2.37 16.78 -0.87
C ASP A 183 1.15 17.30 -1.67
N ARG A 184 0.64 16.48 -2.57
CA ARG A 184 -0.54 16.86 -3.36
C ARG A 184 -1.75 17.13 -2.45
N PHE A 185 -1.89 16.34 -1.39
CA PHE A 185 -3.11 16.40 -0.60
C PHE A 185 -2.92 17.05 0.75
N MET A 186 -1.72 17.54 1.04
CA MET A 186 -1.43 18.04 2.38
C MET A 186 -2.32 19.22 2.76
N PRO A 187 -2.59 20.17 1.83
CA PRO A 187 -3.52 21.25 2.26
C PRO A 187 -4.90 20.74 2.76
N LYS A 188 -5.49 19.77 2.05
CA LYS A 188 -6.73 19.17 2.48
C LYS A 188 -6.54 18.39 3.79
N ILE A 189 -5.45 17.62 3.88
CA ILE A 189 -5.17 16.84 5.07
C ILE A 189 -5.13 17.78 6.28
N LEU A 190 -4.38 18.88 6.18
CA LEU A 190 -4.25 19.81 7.33
C LEU A 190 -5.58 20.46 7.75
N LYS A 191 -6.46 20.69 6.77
CA LYS A 191 -7.78 21.30 7.03
C LYS A 191 -8.83 20.28 7.51
N SER A 192 -8.52 18.98 7.49
CA SER A 192 -9.47 17.97 7.99
C SER A 192 -9.95 18.28 9.43
N ASP A 193 -11.23 18.06 9.67
CA ASP A 193 -11.83 18.25 11.00
C ASP A 193 -12.09 16.90 11.66
N ILE A 194 -11.40 15.85 11.22
CA ILE A 194 -11.63 14.48 11.73
C ILE A 194 -11.55 14.40 13.26
N LEU A 195 -10.65 15.16 13.88
CA LEU A 195 -10.53 15.13 15.34
C LEU A 195 -11.80 15.68 16.03
N ASP A 196 -12.39 16.70 15.43
CA ASP A 196 -13.62 17.29 15.92
C ASP A 196 -14.78 16.32 15.67
N LYS A 197 -14.85 15.72 14.48
CA LYS A 197 -15.93 14.76 14.19
C LYS A 197 -15.93 13.56 15.14
N LEU A 198 -14.76 13.13 15.60
CA LEU A 198 -14.67 12.00 16.52
C LEU A 198 -14.44 12.42 17.96
N SER A 199 -14.49 13.72 18.26
CA SER A 199 -14.20 14.25 19.62
C SER A 199 -12.94 13.70 20.26
N LEU A 200 -11.81 13.83 19.55
CA LEU A 200 -10.49 13.29 19.98
C LEU A 200 -9.55 14.40 20.42
N THR A 201 -8.70 14.07 21.39
CA THR A 201 -7.66 14.99 21.80
C THR A 201 -6.33 14.55 21.13
N PRO A 202 -5.67 15.47 20.43
CA PRO A 202 -4.39 15.16 19.80
C PRO A 202 -3.44 14.52 20.83
N LYS A 203 -2.75 13.45 20.41
CA LYS A 203 -1.81 12.70 21.25
C LYS A 203 -2.44 11.94 22.41
N GLN A 204 -3.76 11.80 22.40
CA GLN A 204 -4.47 11.09 23.48
C GLN A 204 -5.38 9.97 22.96
N TYR A 205 -4.96 9.34 21.86
CA TYR A 205 -5.63 8.13 21.38
C TYR A 205 -4.62 7.26 20.65
N PHE A 206 -4.88 5.95 20.64
CA PHE A 206 -4.14 5.02 19.81
C PHE A 206 -4.93 4.87 18.53
N LEU A 207 -4.21 4.77 17.42
CA LEU A 207 -4.81 4.42 16.17
C LEU A 207 -4.29 3.03 15.78
N ILE A 208 -5.20 2.07 15.71
CA ILE A 208 -4.86 0.72 15.36
C ILE A 208 -5.52 0.36 14.05
N SER A 209 -4.73 -0.19 13.13
CA SER A 209 -5.20 -0.51 11.81
C SER A 209 -4.77 -1.92 11.42
N SER A 210 -5.76 -2.77 11.20
CA SER A 210 -5.52 -4.17 10.96
C SER A 210 -6.48 -4.69 9.92
N HIS A 211 -5.98 -4.94 8.73
CA HIS A 211 -6.79 -5.35 7.61
C HIS A 211 -6.30 -6.64 6.93
N ARG A 212 -5.42 -7.38 7.58
CA ARG A 212 -4.85 -8.59 7.01
C ARG A 212 -5.59 -9.84 7.46
N GLU A 213 -5.98 -10.71 6.50
CA GLU A 213 -6.58 -12.05 6.74
C GLU A 213 -7.17 -12.28 8.12
N LYS A 219 -7.37 -16.39 15.61
CA LYS A 219 -8.15 -17.05 16.66
C LYS A 219 -7.39 -17.07 17.97
N ASN A 220 -6.26 -17.79 18.00
CA ASN A 220 -5.29 -17.64 19.08
C ASN A 220 -4.73 -16.23 18.98
N ASN A 221 -4.50 -15.79 17.74
CA ASN A 221 -3.88 -14.49 17.48
C ASN A 221 -4.78 -13.30 17.79
N LEU A 222 -6.08 -13.43 17.51
CA LEU A 222 -7.03 -12.38 17.92
C LEU A 222 -7.06 -12.15 19.43
N LYS A 223 -7.12 -13.22 20.22
CA LYS A 223 -7.02 -13.14 21.67
C LYS A 223 -5.76 -12.40 22.14
N GLU A 224 -4.62 -12.71 21.50
CA GLU A 224 -3.35 -12.03 21.81
C GLU A 224 -3.47 -10.55 21.54
N LEU A 225 -3.97 -10.20 20.37
CA LEU A 225 -4.24 -8.80 20.04
C LEU A 225 -5.15 -8.10 21.07
N LEU A 226 -6.22 -8.77 21.48
CA LEU A 226 -7.16 -8.17 22.43
C LEU A 226 -6.45 -7.92 23.76
N ASN A 227 -5.63 -8.89 24.19
CA ASN A 227 -4.86 -8.73 25.42
C ASN A 227 -3.85 -7.56 25.33
N SER A 228 -3.21 -7.43 24.17
CA SER A 228 -2.39 -6.26 23.92
C SER A 228 -3.18 -4.96 24.08
N LEU A 229 -4.37 -4.91 23.49
CA LEU A 229 -5.26 -3.74 23.58
C LEU A 229 -5.63 -3.42 25.03
N GLN A 230 -6.02 -4.46 25.77
CA GLN A 230 -6.29 -4.37 27.19
C GLN A 230 -5.10 -3.83 27.97
N MET A 231 -3.92 -4.37 27.70
CA MET A 231 -2.73 -3.93 28.42
C MET A 231 -2.39 -2.47 28.14
N LEU A 232 -2.60 -2.02 26.90
CA LEU A 232 -2.36 -0.63 26.53
C LEU A 232 -3.32 0.33 27.26
N ILE A 233 -4.58 -0.08 27.40
CA ILE A 233 -5.56 0.70 28.18
C ILE A 233 -5.14 0.81 29.64
N LYS A 234 -4.74 -0.31 30.27
CA LYS A 234 -4.28 -0.30 31.66
C LYS A 234 -3.08 0.62 31.83
N GLU A 235 -2.20 0.60 30.83
CA GLU A 235 -0.95 1.34 30.93
C GLU A 235 -1.10 2.84 30.67
N TYR A 236 -1.91 3.21 29.69
CA TYR A 236 -1.98 4.62 29.25
C TYR A 236 -3.33 5.28 29.43
N ASN A 237 -4.38 4.48 29.57
CA ASN A 237 -5.76 4.97 29.70
C ASN A 237 -6.20 5.92 28.59
N PHE A 238 -5.71 5.70 27.38
CA PHE A 238 -6.15 6.41 26.22
C PHE A 238 -7.12 5.57 25.41
N LEU A 239 -8.10 6.24 24.81
CA LEU A 239 -8.95 5.63 23.80
C LEU A 239 -8.18 4.92 22.67
N ILE A 240 -8.75 3.80 22.21
CA ILE A 240 -8.28 3.08 21.05
C ILE A 240 -9.26 3.16 19.89
N ILE A 241 -8.81 3.78 18.79
CA ILE A 241 -9.51 3.81 17.53
C ILE A 241 -9.02 2.65 16.65
N PHE A 242 -9.96 1.76 16.31
CA PHE A 242 -9.64 0.50 15.65
C PHE A 242 -10.26 0.46 14.27
N SER A 243 -9.39 0.39 13.26
CA SER A 243 -9.80 0.34 11.91
C SER A 243 -9.53 -1.06 11.34
N THR A 244 -10.60 -1.73 10.95
CA THR A 244 -10.51 -3.13 10.49
C THR A 244 -11.69 -3.55 9.59
N HIS A 245 -11.70 -4.82 9.16
CA HIS A 245 -12.74 -5.33 8.24
C HIS A 245 -13.90 -5.87 9.04
N PRO A 246 -15.12 -5.88 8.47
CA PRO A 246 -16.30 -6.34 9.22
C PRO A 246 -16.14 -7.74 9.79
N ARG A 247 -15.72 -8.68 8.93
CA ARG A 247 -15.38 -10.04 9.34
C ARG A 247 -14.57 -10.06 10.66
N THR A 248 -13.59 -9.15 10.77
CA THR A 248 -12.73 -9.08 11.96
C THR A 248 -13.36 -8.37 13.17
N LYS A 249 -14.10 -7.29 12.95
CA LYS A 249 -14.87 -6.63 14.04
C LYS A 249 -15.73 -7.61 14.85
N LYS A 250 -16.46 -8.46 14.13
CA LYS A 250 -17.36 -9.43 14.76
C LYS A 250 -16.58 -10.46 15.58
N ARG A 251 -15.53 -11.02 14.96
CA ARG A 251 -14.68 -12.03 15.59
C ARG A 251 -14.18 -11.52 16.93
N LEU A 252 -13.61 -10.32 16.91
CA LEU A 252 -13.21 -9.62 18.15
C LEU A 252 -14.35 -9.49 19.15
N GLU A 253 -15.51 -9.05 18.69
CA GLU A 253 -16.67 -8.82 19.56
C GLU A 253 -17.16 -10.09 20.27
N ASP A 254 -17.07 -11.23 19.58
CA ASP A 254 -17.46 -12.52 20.15
C ASP A 254 -16.50 -13.04 21.21
N LEU A 255 -15.40 -12.33 21.45
CA LEU A 255 -14.38 -12.80 22.39
C LEU A 255 -14.74 -12.45 23.81
N GLU A 256 -14.39 -13.37 24.70
CA GLU A 256 -14.73 -13.31 26.10
C GLU A 256 -14.70 -11.90 26.71
N GLY A 257 -13.50 -11.38 26.92
CA GLY A 257 -13.30 -10.14 27.67
C GLY A 257 -13.24 -8.90 26.81
N PHE A 258 -13.82 -8.96 25.62
CA PHE A 258 -14.08 -7.77 24.82
C PHE A 258 -14.88 -6.74 25.63
N LYS A 259 -15.79 -7.20 26.47
CA LYS A 259 -16.64 -6.31 27.27
C LYS A 259 -15.84 -5.47 28.28
N GLU A 260 -14.62 -5.91 28.60
CA GLU A 260 -13.74 -5.17 29.52
C GLU A 260 -13.23 -3.85 28.93
N LEU A 261 -13.14 -3.77 27.60
CA LEU A 261 -12.60 -2.58 26.95
C LEU A 261 -13.61 -1.42 26.97
N GLY A 262 -14.88 -1.75 26.69
CA GLY A 262 -16.00 -0.81 26.83
C GLY A 262 -15.79 0.48 26.07
N ASP A 263 -15.76 1.60 26.81
CA ASP A 263 -15.57 2.95 26.26
C ASP A 263 -14.19 3.23 25.67
N LYS A 264 -13.23 2.37 25.96
CA LYS A 264 -11.86 2.61 25.54
C LYS A 264 -11.54 2.03 24.18
N ILE A 265 -12.50 1.41 23.52
CA ILE A 265 -12.35 0.98 22.13
C ILE A 265 -13.49 1.48 21.23
N ARG A 266 -13.14 1.91 20.02
CA ARG A 266 -14.10 2.44 19.07
C ARG A 266 -13.69 2.03 17.67
N PHE A 267 -14.58 1.30 17.01
CA PHE A 267 -14.32 0.88 15.64
C PHE A 267 -14.62 2.03 14.70
N LEU A 268 -13.71 2.28 13.76
CA LEU A 268 -13.85 3.39 12.84
C LEU A 268 -14.49 2.86 11.58
N PRO A 269 -15.54 3.54 11.09
CA PRO A 269 -16.00 3.29 9.73
C PRO A 269 -14.95 3.70 8.72
N ALA A 270 -15.09 3.22 7.48
CA ALA A 270 -14.19 3.63 6.42
C ALA A 270 -14.15 5.16 6.39
N PHE A 271 -12.97 5.71 6.08
CA PHE A 271 -12.75 7.15 6.08
C PHE A 271 -12.14 7.56 4.76
N SER A 272 -12.30 8.82 4.42
CA SER A 272 -11.49 9.41 3.35
C SER A 272 -10.00 9.35 3.70
N PHE A 273 -9.19 9.18 2.66
CA PHE A 273 -7.73 9.17 2.78
C PHE A 273 -7.26 10.37 3.61
N THR A 274 -7.79 11.55 3.28
CA THR A 274 -7.29 12.80 3.86
C THR A 274 -7.62 12.88 5.35
N ASP A 275 -8.84 12.51 5.71
CA ASP A 275 -9.21 12.43 7.13
C ASP A 275 -8.32 11.44 7.86
N TYR A 276 -8.03 10.33 7.20
CA TYR A 276 -7.27 9.27 7.82
C TYR A 276 -5.81 9.65 8.09
N VAL A 277 -5.19 10.37 7.15
CA VAL A 277 -3.82 10.86 7.39
C VAL A 277 -3.82 11.88 8.55
N LYS A 278 -4.82 12.76 8.61
CA LYS A 278 -4.92 13.72 9.74
C LYS A 278 -4.94 12.99 11.08
N LEU A 279 -5.72 11.92 11.13
CA LEU A 279 -5.83 11.07 12.30
C LEU A 279 -4.48 10.46 12.67
N GLN A 280 -3.76 9.96 11.66
CA GLN A 280 -2.44 9.40 11.85
C GLN A 280 -1.49 10.40 12.49
N MET A 281 -1.52 11.61 11.94
CA MET A 281 -0.64 12.67 12.31
C MET A 281 -0.86 13.18 13.72
N ASN A 282 -2.01 12.83 14.33
CA ASN A 282 -2.32 13.24 15.68
C ASN A 282 -2.44 12.13 16.74
N ALA A 283 -2.22 10.89 16.36
CA ALA A 283 -2.23 9.77 17.31
C ALA A 283 -1.06 9.84 18.29
N PHE A 284 -1.28 9.34 19.51
CA PHE A 284 -0.23 9.11 20.50
C PHE A 284 0.78 8.07 19.96
N CYS A 285 0.22 7.04 19.34
CA CYS A 285 0.96 5.96 18.75
C CYS A 285 0.05 5.19 17.82
N ILE A 286 0.61 4.73 16.72
CA ILE A 286 -0.06 3.89 15.73
C ILE A 286 0.45 2.45 15.81
N LEU A 287 -0.50 1.51 15.74
CA LEU A 287 -0.24 0.09 15.58
C LEU A 287 -0.88 -0.33 14.26
N SER A 288 -0.08 -0.71 13.28
CA SER A 288 -0.63 -0.98 11.95
C SER A 288 -0.04 -2.20 11.26
N ASP A 289 -0.87 -2.96 10.54
CA ASP A 289 -0.34 -3.97 9.60
C ASP A 289 -0.39 -3.56 8.14
N SER A 290 -0.64 -2.28 7.90
CA SER A 290 -0.65 -1.74 6.53
C SER A 290 0.71 -1.81 5.95
N GLY A 291 0.78 -2.19 4.67
CA GLY A 291 2.05 -2.23 3.98
C GLY A 291 2.59 -0.82 3.74
N THR A 292 1.84 0.21 4.05
CA THR A 292 2.34 1.57 3.90
C THR A 292 2.87 2.25 5.16
N ILE A 293 2.81 1.58 6.33
CA ILE A 293 3.13 2.22 7.60
C ILE A 293 4.59 2.74 7.68
N THR A 294 5.55 2.01 7.11
CA THR A 294 6.94 2.40 7.22
C THR A 294 7.13 3.74 6.46
N GLU A 295 6.56 3.83 5.26
CA GLU A 295 6.62 5.06 4.47
C GLU A 295 5.92 6.23 5.18
N GLU A 296 4.68 5.98 5.62
CA GLU A 296 3.87 7.01 6.28
C GLU A 296 4.60 7.50 7.55
N ALA A 297 5.05 6.57 8.37
CA ALA A 297 5.73 6.88 9.64
C ALA A 297 7.07 7.63 9.45
N SER A 298 7.81 7.25 8.41
CA SER A 298 9.04 7.92 8.04
C SER A 298 8.80 9.32 7.57
N ILE A 299 7.89 9.44 6.60
CA ILE A 299 7.67 10.70 5.88
C ILE A 299 7.02 11.72 6.81
N LEU A 300 6.03 11.28 7.61
CA LEU A 300 5.28 12.22 8.47
C LEU A 300 5.80 12.24 9.92
N ASN A 301 6.89 11.56 10.18
CA ASN A 301 7.48 11.48 11.51
C ASN A 301 6.44 11.01 12.56
N LEU A 302 5.86 9.83 12.28
CA LEU A 302 4.83 9.28 13.15
C LEU A 302 5.41 8.29 14.14
N PRO A 303 4.83 8.25 15.35
CA PRO A 303 5.10 7.20 16.34
C PRO A 303 4.33 5.93 15.95
N ALA A 304 5.07 4.86 15.68
CA ALA A 304 4.47 3.71 15.05
C ALA A 304 5.08 2.37 15.40
N LEU A 305 4.18 1.37 15.51
CA LEU A 305 4.49 -0.03 15.56
C LEU A 305 3.93 -0.74 14.30
N ASN A 306 4.78 -1.52 13.66
CA ASN A 306 4.34 -2.48 12.67
C ASN A 306 4.00 -3.75 13.43
N ILE A 307 2.72 -4.12 13.42
CA ILE A 307 2.26 -5.25 14.22
C ILE A 307 2.32 -6.62 13.55
N ARG A 308 2.90 -6.65 12.36
CA ARG A 308 3.17 -7.89 11.65
CA ARG A 308 3.20 -7.89 11.64
C ARG A 308 4.38 -8.59 12.27
N GLU A 309 4.66 -9.82 11.80
CA GLU A 309 5.77 -10.61 12.29
C GLU A 309 6.94 -10.69 11.30
N ALA A 310 6.68 -10.31 10.05
CA ALA A 310 7.71 -10.08 9.02
C ALA A 310 7.30 -8.85 8.23
N HIS A 311 8.23 -8.20 7.57
CA HIS A 311 7.91 -7.05 6.77
C HIS A 311 8.91 -6.88 5.62
N GLU A 312 8.60 -5.96 4.73
CA GLU A 312 9.34 -5.82 3.48
C GLU A 312 9.93 -4.42 3.28
N ARG A 313 10.07 -3.67 4.37
CA ARG A 313 10.65 -2.35 4.31
CA ARG A 313 10.66 -2.32 4.35
C ARG A 313 11.88 -2.21 5.25
N PRO A 314 12.94 -2.99 4.97
CA PRO A 314 14.14 -2.98 5.79
C PRO A 314 14.80 -1.58 5.90
N GLU A 315 14.60 -0.74 4.88
CA GLU A 315 15.08 0.66 4.85
C GLU A 315 14.69 1.47 6.07
N GLY A 316 13.49 1.21 6.59
CA GLY A 316 13.07 1.78 7.87
C GLY A 316 14.03 1.52 9.02
N MET A 317 14.51 0.28 9.11
CA MET A 317 15.40 -0.14 10.21
C MET A 317 16.77 0.53 10.12
N ASP A 318 17.23 0.81 8.89
CA ASP A 318 18.45 1.61 8.70
C ASP A 318 18.27 3.01 9.27
N ALA A 319 17.03 3.52 9.22
CA ALA A 319 16.75 4.90 9.60
C ALA A 319 16.26 5.10 11.05
N GLY A 320 15.76 4.03 11.65
CA GLY A 320 15.12 4.11 12.96
C GLY A 320 13.66 4.51 12.89
N THR A 321 12.98 4.17 11.80
CA THR A 321 11.60 4.60 11.58
C THR A 321 10.59 4.07 12.61
N LEU A 322 10.51 2.76 12.78
CA LEU A 322 9.52 2.21 13.66
C LEU A 322 10.05 0.95 14.35
N ILE A 323 9.17 0.29 15.12
CA ILE A 323 9.46 -1.04 15.64
C ILE A 323 8.48 -2.05 15.10
N MET A 324 8.99 -3.17 14.64
CA MET A 324 8.14 -4.31 14.32
C MET A 324 7.93 -5.10 15.61
N SER A 325 6.78 -4.89 16.24
CA SER A 325 6.46 -5.44 17.53
C SER A 325 5.79 -6.82 17.54
N GLY A 326 5.23 -7.21 16.41
CA GLY A 326 4.20 -8.23 16.42
C GLY A 326 2.96 -7.69 17.15
N PHE A 327 2.11 -8.61 17.58
CA PHE A 327 0.78 -8.22 18.13
C PHE A 327 0.58 -8.74 19.54
N LYS A 328 1.63 -9.28 20.15
CA LYS A 328 1.55 -9.80 21.53
C LYS A 328 2.02 -8.79 22.54
N ALA A 329 1.49 -8.87 23.76
CA ALA A 329 1.45 -7.70 24.66
C ALA A 329 2.82 -7.27 25.15
N GLU A 330 3.67 -8.24 25.43
CA GLU A 330 4.94 -7.97 26.06
C GLU A 330 5.85 -7.13 25.15
N ARG A 331 6.02 -7.56 23.91
CA ARG A 331 6.82 -6.81 22.95
C ARG A 331 6.11 -5.52 22.55
N VAL A 332 4.77 -5.58 22.42
CA VAL A 332 4.00 -4.38 22.08
C VAL A 332 4.22 -3.27 23.11
N LEU A 333 4.14 -3.60 24.40
CA LEU A 333 4.29 -2.62 25.45
C LEU A 333 5.69 -2.02 25.48
N GLN A 334 6.72 -2.86 25.29
CA GLN A 334 8.06 -2.37 25.32
C GLN A 334 8.24 -1.42 24.12
N ALA A 335 7.69 -1.80 22.98
CA ALA A 335 7.83 -0.99 21.76
C ALA A 335 7.13 0.37 21.90
N VAL A 336 5.93 0.39 22.47
CA VAL A 336 5.20 1.64 22.63
C VAL A 336 5.93 2.63 23.55
N LYS A 337 6.47 2.13 24.66
CA LYS A 337 7.22 2.97 25.59
C LYS A 337 8.40 3.57 24.86
N THR A 338 9.15 2.73 24.15
CA THR A 338 10.36 3.15 23.44
C THR A 338 10.10 4.24 22.39
N ILE A 339 9.07 4.03 21.58
CA ILE A 339 8.69 4.99 20.54
C ILE A 339 8.16 6.30 21.11
N THR A 340 7.23 6.24 22.07
CA THR A 340 6.46 7.42 22.45
C THR A 340 7.15 8.28 23.52
N GLU A 341 8.11 7.72 24.26
CA GLU A 341 8.57 8.41 25.46
C GLU A 341 9.03 9.85 25.13
N GLU A 342 9.83 10.03 24.08
CA GLU A 342 10.30 11.39 23.73
C GLU A 342 9.87 11.89 22.34
N HIS A 343 8.83 11.31 21.77
CA HIS A 343 8.52 11.61 20.39
C HIS A 343 7.69 12.88 20.23
N ASP A 344 8.17 13.75 19.32
CA ASP A 344 7.42 14.92 18.86
C ASP A 344 7.37 14.88 17.34
N ASN A 345 6.17 14.74 16.75
CA ASN A 345 6.07 14.69 15.29
C ASN A 345 6.73 15.90 14.66
N ASN A 346 6.74 17.01 15.37
CA ASN A 346 7.28 18.24 14.81
C ASN A 346 8.78 18.42 15.01
N LYS A 347 9.41 17.49 15.73
CA LYS A 347 10.87 17.45 15.83
C LYS A 347 11.41 16.12 15.29
N ARG A 348 12.14 16.21 14.17
CA ARG A 348 12.73 15.05 13.53
C ARG A 348 13.98 14.68 14.30
N THR A 349 14.00 13.51 14.94
CA THR A 349 15.26 13.01 15.55
C THR A 349 15.74 11.72 14.89
N GLN A 350 14.82 10.95 14.32
CA GLN A 350 15.22 9.80 13.49
C GLN A 350 14.11 9.43 12.51
N GLY A 351 14.35 8.38 11.74
CA GLY A 351 13.29 7.77 10.95
C GLY A 351 13.17 8.23 9.52
N LEU A 352 14.00 9.21 9.11
CA LEU A 352 14.00 9.69 7.73
C LEU A 352 14.71 8.71 6.80
N VAL A 353 14.05 8.28 5.73
CA VAL A 353 14.62 7.29 4.81
C VAL A 353 15.04 8.00 3.51
N PRO A 354 16.35 8.00 3.20
CA PRO A 354 16.81 8.75 2.01
C PRO A 354 16.11 8.36 0.74
N ASP A 355 15.84 7.07 0.51
CA ASP A 355 15.20 6.65 -0.72
C ASP A 355 13.74 7.12 -0.79
N TYR A 356 13.13 7.39 0.36
CA TYR A 356 11.76 7.99 0.36
C TYR A 356 11.86 9.50 0.20
N ASN A 357 12.69 10.09 1.05
CA ASN A 357 12.86 11.51 1.16
C ASN A 357 13.30 12.17 -0.13
N GLU A 358 14.09 11.45 -0.92
CA GLU A 358 14.59 11.95 -2.20
C GLU A 358 13.76 11.58 -3.45
N ALA A 359 12.63 10.90 -3.25
CA ALA A 359 11.83 10.38 -4.36
C ALA A 359 11.32 11.46 -5.32
N GLY A 360 10.84 12.57 -4.79
CA GLY A 360 10.33 13.67 -5.58
C GLY A 360 9.16 13.25 -6.46
N LEU A 361 9.16 13.73 -7.70
CA LEU A 361 8.03 13.56 -8.60
C LEU A 361 8.14 12.22 -9.35
N VAL A 362 7.78 11.17 -8.62
CA VAL A 362 7.78 9.83 -9.13
C VAL A 362 6.97 9.72 -10.42
N SER A 363 5.82 10.39 -10.45
CA SER A 363 4.96 10.43 -11.62
C SER A 363 5.74 10.73 -12.88
N LYS A 364 6.57 11.76 -12.84
CA LYS A 364 7.40 12.12 -13.98
C LYS A 364 8.44 11.07 -14.33
N LYS A 365 8.98 10.42 -13.29
CA LYS A 365 9.95 9.37 -13.51
C LYS A 365 9.41 8.17 -14.28
N ILE A 366 8.19 7.74 -13.93
CA ILE A 366 7.63 6.54 -14.51
C ILE A 366 7.36 6.80 -15.97
N LEU A 367 6.83 7.98 -16.28
CA LEU A 367 6.53 8.28 -17.70
C LEU A 367 7.83 8.34 -18.50
N ARG A 368 8.88 8.93 -17.91
CA ARG A 368 10.11 9.03 -18.64
C ARG A 368 10.74 7.66 -18.88
N ILE A 369 10.61 6.77 -17.90
CA ILE A 369 11.07 5.36 -18.07
C ILE A 369 10.31 4.63 -19.18
N VAL A 370 8.99 4.74 -19.14
CA VAL A 370 8.16 4.11 -20.15
C VAL A 370 8.55 4.58 -21.55
N LEU A 371 8.62 5.90 -21.74
CA LEU A 371 9.01 6.43 -23.07
C LEU A 371 10.41 5.99 -23.50
N SER A 372 11.30 5.89 -22.52
CA SER A 372 12.68 5.56 -22.81
C SER A 372 12.92 4.06 -23.09
N TYR A 373 11.99 3.18 -22.68
CA TYR A 373 12.22 1.73 -22.78
C TYR A 373 11.24 0.88 -23.58
N VAL A 374 10.09 1.43 -24.03
CA VAL A 374 9.20 0.61 -24.90
C VAL A 374 9.98 0.05 -26.10
N ASP A 375 10.74 0.89 -26.81
CA ASP A 375 11.43 0.38 -28.01
C ASP A 375 12.55 -0.57 -27.62
N TYR A 376 13.26 -0.27 -26.55
CA TYR A 376 14.33 -1.13 -26.06
C TYR A 376 13.86 -2.54 -25.73
N ILE A 377 12.75 -2.62 -25.04
CA ILE A 377 12.13 -3.89 -24.72
C ILE A 377 11.69 -4.61 -25.98
N ASN A 378 11.02 -3.90 -26.87
CA ASN A 378 10.55 -4.55 -28.11
C ASN A 378 11.68 -5.13 -28.96
N ARG A 379 12.83 -4.46 -28.95
CA ARG A 379 14.03 -5.00 -29.63
C ARG A 379 14.72 -6.14 -28.89
N THR A 380 15.11 -5.89 -27.64
CA THR A 380 15.96 -6.79 -26.89
C THR A 380 15.24 -7.97 -26.27
N VAL A 381 13.96 -7.80 -25.97
CA VAL A 381 13.20 -8.91 -25.44
C VAL A 381 12.48 -9.68 -26.57
N TRP A 382 11.78 -8.96 -27.43
CA TRP A 382 10.88 -9.58 -28.39
C TRP A 382 11.44 -9.62 -29.82
N PHE A 383 12.60 -9.00 -30.05
CA PHE A 383 13.24 -9.00 -31.38
C PHE A 383 12.28 -8.53 -32.45
N LYS A 384 11.54 -7.46 -32.19
CA LYS A 384 10.52 -7.06 -33.13
C LYS A 384 11.20 -6.18 -34.19
#